data_2A8N
#
_entry.id   2A8N
#
_cell.length_a   48.051
_cell.length_b   56.337
_cell.length_c   90.672
_cell.angle_alpha   90.00
_cell.angle_beta   90.00
_cell.angle_gamma   90.00
#
_symmetry.space_group_name_H-M   'P 21 21 21'
#
loop_
_entity.id
_entity.type
_entity.pdbx_description
1 polymer 'cytidine and deoxycytidylate deaminase'
2 non-polymer 'ZINC ION'
3 water water
#
_entity_poly.entity_id   1
_entity_poly.type   'polypeptide(L)'
_entity_poly.pdbx_seq_one_letter_code
;MAERTHFMELALVEARSAGERDEVPIGAVLVLDGRVIARSGNRTRELNDVTAHAEIAVIRMACEALGQERLPGADLYVTL
EPCTMCAAAISFARIRRLYYGAQDPKGGAVESGVRFFSQPTCHHAPDVYSGLAESESAEILRQF
;
_entity_poly.pdbx_strand_id   A,B
#
# COMPACT_ATOMS: atom_id res chain seq x y z
N ALA A 2 -6.62 -26.05 12.41
CA ALA A 2 -7.65 -25.78 11.37
C ALA A 2 -8.83 -25.05 11.97
N GLU A 3 -8.56 -24.29 13.04
CA GLU A 3 -9.59 -23.53 13.73
C GLU A 3 -9.95 -22.26 12.98
N ARG A 4 -10.46 -22.43 11.76
CA ARG A 4 -10.85 -21.29 10.94
C ARG A 4 -12.03 -20.49 11.49
N THR A 5 -12.93 -21.16 12.20
CA THR A 5 -14.07 -20.47 12.78
C THR A 5 -13.55 -19.52 13.84
N HIS A 6 -12.54 -19.96 14.59
CA HIS A 6 -11.94 -19.14 15.64
C HIS A 6 -11.22 -17.94 15.03
N PHE A 7 -10.49 -18.18 13.95
CA PHE A 7 -9.76 -17.11 13.29
C PHE A 7 -10.72 -16.04 12.79
N MET A 8 -11.80 -16.44 12.12
CA MET A 8 -12.78 -15.48 11.63
C MET A 8 -13.48 -14.76 12.78
N GLU A 9 -13.73 -15.47 13.88
CA GLU A 9 -14.39 -14.85 15.02
C GLU A 9 -13.52 -13.71 15.55
N LEU A 10 -12.21 -13.95 15.65
CA LEU A 10 -11.32 -12.90 16.12
C LEU A 10 -11.34 -11.71 15.19
N ALA A 11 -11.40 -11.99 13.88
CA ALA A 11 -11.44 -10.92 12.88
C ALA A 11 -12.75 -10.14 13.01
N LEU A 12 -13.84 -10.85 13.28
CA LEU A 12 -15.14 -10.20 13.43
C LEU A 12 -15.13 -9.32 14.67
N VAL A 13 -14.45 -9.77 15.71
CA VAL A 13 -14.35 -8.98 16.94
C VAL A 13 -13.60 -7.68 16.61
N GLU A 14 -12.51 -7.81 15.86
CA GLU A 14 -11.74 -6.64 15.49
C GLU A 14 -12.56 -5.69 14.64
N ALA A 15 -13.41 -6.25 13.78
CA ALA A 15 -14.26 -5.44 12.92
C ALA A 15 -15.25 -4.64 13.76
N ARG A 16 -15.88 -5.30 14.71
CA ARG A 16 -16.85 -4.64 15.58
C ARG A 16 -16.19 -3.51 16.38
N SER A 17 -15.01 -3.79 16.91
CA SER A 17 -14.28 -2.79 17.69
C SER A 17 -13.93 -1.59 16.83
N ALA A 18 -13.50 -1.85 15.60
CA ALA A 18 -13.14 -0.78 14.68
C ALA A 18 -14.35 0.13 14.45
N GLY A 19 -15.51 -0.47 14.23
CA GLY A 19 -16.71 0.30 14.00
C GLY A 19 -17.06 1.18 15.19
N GLU A 20 -16.89 0.65 16.39
CA GLU A 20 -17.19 1.38 17.61
C GLU A 20 -16.29 2.60 17.79
N ARG A 21 -15.09 2.55 17.22
CA ARG A 21 -14.20 3.71 17.34
C ARG A 21 -14.22 4.56 16.08
N ASP A 22 -15.35 4.48 15.37
CA ASP A 22 -15.60 5.24 14.15
C ASP A 22 -14.68 4.93 12.97
N GLU A 23 -14.17 3.71 12.91
CA GLU A 23 -13.30 3.31 11.80
C GLU A 23 -14.15 2.38 10.93
N VAL A 24 -13.70 2.09 9.72
CA VAL A 24 -14.45 1.18 8.86
C VAL A 24 -14.44 -0.15 9.59
N PRO A 25 -15.62 -0.76 9.81
CA PRO A 25 -15.68 -2.04 10.51
C PRO A 25 -15.20 -3.27 9.75
N ILE A 26 -13.89 -3.36 9.62
CA ILE A 26 -13.25 -4.49 8.94
C ILE A 26 -12.15 -4.97 9.86
N GLY A 27 -12.07 -6.28 10.03
CA GLY A 27 -11.07 -6.84 10.92
C GLY A 27 -10.28 -7.94 10.24
N ALA A 28 -9.08 -8.19 10.76
CA ALA A 28 -8.23 -9.23 10.18
C ALA A 28 -7.33 -9.87 11.22
N VAL A 29 -6.88 -11.09 10.94
CA VAL A 29 -5.96 -11.79 11.82
C VAL A 29 -4.91 -12.45 10.94
N LEU A 30 -3.68 -12.46 11.40
CA LEU A 30 -2.58 -13.06 10.67
C LEU A 30 -2.24 -14.32 11.44
N VAL A 31 -2.27 -15.45 10.74
CA VAL A 31 -2.01 -16.75 11.36
C VAL A 31 -0.74 -17.38 10.81
N LEU A 32 0.05 -17.96 11.71
CA LEU A 32 1.27 -18.63 11.32
C LEU A 32 1.39 -19.94 12.09
N ASP A 33 1.39 -21.04 11.35
CA ASP A 33 1.48 -22.37 11.95
C ASP A 33 0.32 -22.65 12.89
N GLY A 34 -0.89 -22.33 12.44
CA GLY A 34 -2.08 -22.57 13.24
C GLY A 34 -2.31 -21.66 14.43
N ARG A 35 -1.54 -20.58 14.54
CA ARG A 35 -1.72 -19.66 15.67
C ARG A 35 -1.81 -18.21 15.23
N VAL A 36 -2.70 -17.46 15.88
CA VAL A 36 -2.86 -16.04 15.58
C VAL A 36 -1.68 -15.28 16.17
N ILE A 37 -0.93 -14.60 15.31
CA ILE A 37 0.22 -13.84 15.79
C ILE A 37 -0.01 -12.34 15.70
N ALA A 38 -1.11 -11.96 15.05
CA ALA A 38 -1.45 -10.54 14.94
C ALA A 38 -2.94 -10.38 14.65
N ARG A 39 -3.53 -9.33 15.20
CA ARG A 39 -4.94 -9.05 14.99
C ARG A 39 -5.16 -7.55 14.97
N SER A 40 -6.11 -7.09 14.16
CA SER A 40 -6.38 -5.67 14.07
C SER A 40 -7.59 -5.32 13.22
N GLY A 41 -8.10 -4.12 13.45
CA GLY A 41 -9.21 -3.61 12.67
C GLY A 41 -8.62 -2.41 11.95
N ASN A 42 -9.43 -1.70 11.16
CA ASN A 42 -8.94 -0.51 10.47
C ASN A 42 -8.56 0.55 11.50
N ARG A 43 -7.49 1.30 11.22
CA ARG A 43 -7.02 2.34 12.13
C ARG A 43 -6.59 3.60 11.37
N THR A 44 -7.12 3.78 10.17
CA THR A 44 -6.75 4.94 9.36
C THR A 44 -7.03 6.30 10.01
N ARG A 45 -8.18 6.43 10.66
CA ARG A 45 -8.53 7.69 11.33
C ARG A 45 -7.60 7.97 12.51
N GLU A 46 -7.44 6.96 13.36
CA GLU A 46 -6.59 7.07 14.54
C GLU A 46 -5.14 7.42 14.23
N LEU A 47 -4.60 6.81 13.18
CA LEU A 47 -3.21 7.02 12.81
C LEU A 47 -2.98 8.03 11.69
N ASN A 48 -4.05 8.63 11.18
CA ASN A 48 -3.91 9.59 10.07
C ASN A 48 -3.06 8.93 9.00
N ASP A 49 -3.43 7.70 8.67
CA ASP A 49 -2.71 6.90 7.69
C ASP A 49 -3.71 6.12 6.85
N VAL A 50 -3.88 6.51 5.59
CA VAL A 50 -4.82 5.82 4.71
C VAL A 50 -4.40 4.38 4.39
N THR A 51 -3.18 4.00 4.76
CA THR A 51 -2.74 2.64 4.48
C THR A 51 -3.01 1.70 5.65
N ALA A 52 -3.52 2.25 6.76
CA ALA A 52 -3.78 1.46 7.96
C ALA A 52 -5.04 0.60 7.93
N HIS A 53 -5.27 -0.10 6.83
CA HIS A 53 -6.41 -0.99 6.76
C HIS A 53 -6.05 -2.21 7.58
N ALA A 54 -7.06 -2.92 8.10
CA ALA A 54 -6.83 -4.11 8.91
C ALA A 54 -5.78 -5.07 8.36
N GLU A 55 -5.86 -5.37 7.07
CA GLU A 55 -4.92 -6.29 6.44
C GLU A 55 -3.48 -5.81 6.57
N ILE A 56 -3.23 -4.56 6.21
CA ILE A 56 -1.88 -4.03 6.30
C ILE A 56 -1.43 -3.91 7.76
N ALA A 57 -2.36 -3.56 8.64
CA ALA A 57 -2.03 -3.43 10.07
C ALA A 57 -1.49 -4.74 10.63
N VAL A 58 -2.16 -5.86 10.35
CA VAL A 58 -1.69 -7.14 10.87
C VAL A 58 -0.43 -7.62 10.18
N ILE A 59 -0.23 -7.22 8.92
CA ILE A 59 0.97 -7.61 8.20
C ILE A 59 2.15 -6.90 8.86
N ARG A 60 1.99 -5.61 9.15
CA ARG A 60 3.05 -4.85 9.78
C ARG A 60 3.31 -5.37 11.19
N MET A 61 2.25 -5.68 11.92
CA MET A 61 2.39 -6.20 13.29
C MET A 61 3.09 -7.54 13.34
N ALA A 62 2.71 -8.45 12.44
CA ALA A 62 3.30 -9.77 12.41
C ALA A 62 4.76 -9.67 12.01
N CYS A 63 5.06 -8.82 11.05
CA CYS A 63 6.44 -8.66 10.61
C CYS A 63 7.31 -8.11 11.73
N GLU A 64 6.74 -7.24 12.56
CA GLU A 64 7.48 -6.67 13.67
C GLU A 64 7.70 -7.74 14.73
N ALA A 65 6.68 -8.55 14.97
CA ALA A 65 6.80 -9.61 15.98
C ALA A 65 7.83 -10.65 15.58
N LEU A 66 7.89 -10.96 14.28
CA LEU A 66 8.82 -11.96 13.75
C LEU A 66 10.17 -11.40 13.31
N GLY A 67 10.25 -10.09 13.13
CA GLY A 67 11.50 -9.49 12.70
C GLY A 67 11.86 -9.82 11.26
N GLN A 68 10.85 -9.99 10.41
CA GLN A 68 11.12 -10.30 9.02
C GLN A 68 10.41 -9.34 8.06
N GLU A 69 10.97 -9.19 6.87
CA GLU A 69 10.40 -8.29 5.87
C GLU A 69 9.17 -8.85 5.16
N ARG A 70 9.02 -10.17 5.14
CA ARG A 70 7.89 -10.81 4.50
C ARG A 70 7.29 -11.89 5.39
N LEU A 71 6.13 -12.41 4.99
CA LEU A 71 5.44 -13.43 5.76
C LEU A 71 5.13 -14.70 4.97
N PRO A 72 6.16 -15.33 4.40
CA PRO A 72 5.90 -16.56 3.64
C PRO A 72 5.34 -17.63 4.56
N GLY A 73 4.37 -18.39 4.07
CA GLY A 73 3.79 -19.45 4.86
C GLY A 73 2.66 -19.03 5.79
N ALA A 74 2.42 -17.73 5.91
CA ALA A 74 1.35 -17.26 6.79
C ALA A 74 0.00 -17.13 6.08
N ASP A 75 -1.07 -17.25 6.86
CA ASP A 75 -2.40 -17.11 6.31
C ASP A 75 -3.04 -15.85 6.87
N LEU A 76 -3.81 -15.16 6.04
CA LEU A 76 -4.47 -13.93 6.47
C LEU A 76 -5.98 -14.09 6.37
N TYR A 77 -6.69 -13.81 7.47
CA TYR A 77 -8.15 -13.90 7.50
C TYR A 77 -8.70 -12.49 7.62
N VAL A 78 -9.61 -12.12 6.73
CA VAL A 78 -10.20 -10.78 6.75
C VAL A 78 -11.72 -10.89 6.63
N THR A 79 -12.43 -9.98 7.30
CA THR A 79 -13.90 -10.01 7.26
C THR A 79 -14.50 -9.58 5.94
N LEU A 80 -13.73 -8.89 5.11
CA LEU A 80 -14.21 -8.43 3.81
C LEU A 80 -13.12 -8.54 2.76
N GLU A 81 -13.52 -8.74 1.51
CA GLU A 81 -12.56 -8.86 0.42
C GLU A 81 -11.59 -7.68 0.42
N PRO A 82 -10.28 -7.97 0.38
CA PRO A 82 -9.28 -6.90 0.37
C PRO A 82 -9.40 -5.97 -0.84
N CYS A 83 -9.02 -4.71 -0.62
CA CYS A 83 -9.05 -3.69 -1.65
C CYS A 83 -7.76 -3.77 -2.50
N THR A 84 -7.62 -2.87 -3.46
CA THR A 84 -6.46 -2.84 -4.34
C THR A 84 -5.13 -2.65 -3.62
N MET A 85 -5.11 -1.75 -2.65
CA MET A 85 -3.89 -1.50 -1.87
C MET A 85 -3.48 -2.73 -1.05
N CYS A 86 -4.44 -3.31 -0.35
CA CYS A 86 -4.16 -4.48 0.47
C CYS A 86 -3.87 -5.74 -0.34
N ALA A 87 -4.53 -5.88 -1.48
CA ALA A 87 -4.29 -7.05 -2.32
C ALA A 87 -2.81 -7.03 -2.73
N ALA A 88 -2.33 -5.86 -3.17
CA ALA A 88 -0.94 -5.75 -3.58
C ALA A 88 0.01 -5.99 -2.40
N ALA A 89 -0.32 -5.46 -1.23
CA ALA A 89 0.54 -5.66 -0.06
C ALA A 89 0.62 -7.14 0.32
N ILE A 90 -0.50 -7.84 0.16
CA ILE A 90 -0.58 -9.27 0.46
C ILE A 90 0.35 -10.03 -0.46
N SER A 91 0.40 -9.60 -1.73
CA SER A 91 1.26 -10.21 -2.72
C SER A 91 2.72 -9.96 -2.34
N PHE A 92 3.05 -8.72 -1.97
CA PHE A 92 4.42 -8.38 -1.60
C PHE A 92 4.87 -9.12 -0.34
N ALA A 93 3.94 -9.37 0.57
CA ALA A 93 4.27 -10.07 1.82
C ALA A 93 4.42 -11.57 1.65
N ARG A 94 4.10 -12.07 0.45
CA ARG A 94 4.18 -13.50 0.15
C ARG A 94 3.25 -14.35 1.01
N ILE A 95 2.11 -13.79 1.39
CA ILE A 95 1.12 -14.51 2.18
C ILE A 95 0.77 -15.80 1.45
N ARG A 96 0.64 -16.90 2.19
CA ARG A 96 0.34 -18.20 1.62
C ARG A 96 -1.13 -18.39 1.25
N ARG A 97 -2.01 -18.09 2.19
CA ARG A 97 -3.44 -18.25 1.97
C ARG A 97 -4.19 -17.03 2.46
N LEU A 98 -5.21 -16.63 1.70
CA LEU A 98 -6.05 -15.50 2.05
C LEU A 98 -7.48 -16.00 2.17
N TYR A 99 -8.06 -15.78 3.35
CA TYR A 99 -9.43 -16.19 3.63
C TYR A 99 -10.22 -14.92 3.92
N TYR A 100 -11.37 -14.76 3.27
CA TYR A 100 -12.16 -13.58 3.55
C TYR A 100 -13.65 -13.88 3.46
N GLY A 101 -14.44 -12.98 4.03
CA GLY A 101 -15.88 -13.17 4.03
C GLY A 101 -16.57 -12.80 2.73
N ALA A 102 -17.36 -11.74 2.78
CA ALA A 102 -18.09 -11.29 1.61
C ALA A 102 -17.25 -10.55 0.60
N GLN A 103 -17.72 -10.55 -0.64
CA GLN A 103 -17.05 -9.82 -1.72
C GLN A 103 -17.36 -8.34 -1.52
N ASP A 104 -16.53 -7.48 -2.08
CA ASP A 104 -16.73 -6.04 -1.99
C ASP A 104 -16.63 -5.47 -3.40
N PRO A 105 -17.76 -5.49 -4.14
CA PRO A 105 -17.76 -4.97 -5.51
C PRO A 105 -17.30 -3.52 -5.69
N LYS A 106 -17.57 -2.66 -4.70
CA LYS A 106 -17.20 -1.26 -4.82
C LYS A 106 -15.71 -0.97 -4.76
N GLY A 107 -14.94 -1.82 -4.08
CA GLY A 107 -13.52 -1.56 -3.98
C GLY A 107 -12.60 -2.77 -3.88
N GLY A 108 -13.19 -3.97 -3.93
CA GLY A 108 -12.38 -5.17 -3.83
C GLY A 108 -11.39 -5.30 -4.98
N ALA A 109 -10.38 -6.13 -4.79
CA ALA A 109 -9.36 -6.34 -5.83
C ALA A 109 -8.92 -7.79 -5.95
N VAL A 110 -9.67 -8.71 -5.34
CA VAL A 110 -9.31 -10.12 -5.41
C VAL A 110 -10.22 -10.77 -6.45
N GLU A 111 -11.49 -10.99 -6.11
CA GLU A 111 -12.42 -11.54 -7.08
C GLU A 111 -13.15 -10.37 -7.77
N SER A 112 -13.15 -9.22 -7.12
CA SER A 112 -13.80 -8.02 -7.65
C SER A 112 -12.78 -7.07 -8.24
N GLY A 113 -13.26 -5.96 -8.80
CA GLY A 113 -12.38 -4.94 -9.35
C GLY A 113 -11.27 -5.38 -10.28
N VAL A 114 -10.06 -4.93 -9.97
CA VAL A 114 -8.92 -5.24 -10.81
C VAL A 114 -8.45 -6.69 -10.76
N ARG A 115 -8.99 -7.48 -9.83
CA ARG A 115 -8.59 -8.89 -9.71
C ARG A 115 -7.07 -8.98 -9.84
N PHE A 116 -6.39 -8.28 -8.95
CA PHE A 116 -4.93 -8.20 -8.99
C PHE A 116 -4.14 -9.49 -9.09
N PHE A 117 -4.53 -10.50 -8.32
CA PHE A 117 -3.82 -11.78 -8.31
C PHE A 117 -3.81 -12.50 -9.64
N SER A 118 -4.65 -12.05 -10.57
CA SER A 118 -4.70 -12.68 -11.87
C SER A 118 -4.05 -11.84 -12.95
N GLN A 119 -3.50 -10.69 -12.56
CA GLN A 119 -2.90 -9.79 -13.54
C GLN A 119 -1.42 -10.04 -13.79
N PRO A 120 -0.96 -9.76 -15.01
CA PRO A 120 0.45 -9.97 -15.38
C PRO A 120 1.43 -9.20 -14.50
N THR A 121 0.99 -8.05 -13.97
CA THR A 121 1.86 -7.25 -13.12
C THR A 121 1.92 -7.74 -11.68
N CYS A 122 1.22 -8.82 -11.39
CA CYS A 122 1.25 -9.41 -10.05
C CYS A 122 2.27 -10.54 -10.18
N HIS A 123 3.23 -10.60 -9.27
CA HIS A 123 4.28 -11.61 -9.33
C HIS A 123 4.19 -12.68 -8.24
N HIS A 124 3.18 -12.57 -7.39
CA HIS A 124 2.99 -13.54 -6.32
C HIS A 124 1.54 -13.54 -5.87
N ALA A 125 0.93 -14.71 -5.83
CA ALA A 125 -0.47 -14.82 -5.44
C ALA A 125 -0.69 -15.90 -4.40
N PRO A 126 -1.56 -15.63 -3.41
CA PRO A 126 -1.85 -16.61 -2.36
C PRO A 126 -3.02 -17.49 -2.79
N ASP A 127 -3.34 -18.48 -1.96
CA ASP A 127 -4.52 -19.31 -2.24
C ASP A 127 -5.60 -18.33 -1.83
N VAL A 128 -6.78 -18.44 -2.43
CA VAL A 128 -7.87 -17.54 -2.08
C VAL A 128 -9.16 -18.30 -1.80
N TYR A 129 -9.66 -18.15 -0.57
CA TYR A 129 -10.90 -18.78 -0.16
C TYR A 129 -11.85 -17.72 0.36
N SER A 130 -12.96 -17.52 -0.35
CA SER A 130 -13.93 -16.52 0.01
C SER A 130 -15.25 -17.08 0.53
N GLY A 131 -16.06 -16.20 1.12
CA GLY A 131 -17.34 -16.62 1.66
C GLY A 131 -17.14 -17.52 2.85
N ARG B 4 9.25 22.17 -10.32
CA ARG B 4 9.33 20.70 -10.59
C ARG B 4 10.76 20.19 -10.65
N THR B 5 11.69 21.03 -11.09
CA THR B 5 13.09 20.61 -11.19
C THR B 5 13.65 20.34 -9.80
N HIS B 6 13.31 21.18 -8.84
CA HIS B 6 13.80 21.01 -7.47
C HIS B 6 13.14 19.78 -6.83
N PHE B 7 11.86 19.60 -7.11
CA PHE B 7 11.14 18.47 -6.54
C PHE B 7 11.73 17.15 -7.03
N MET B 8 12.01 17.07 -8.33
CA MET B 8 12.60 15.83 -8.86
C MET B 8 14.05 15.67 -8.39
N GLU B 9 14.75 16.80 -8.22
CA GLU B 9 16.13 16.77 -7.76
C GLU B 9 16.17 16.07 -6.41
N LEU B 10 15.29 16.49 -5.50
CA LEU B 10 15.23 15.90 -4.16
C LEU B 10 14.79 14.45 -4.21
N ALA B 11 13.84 14.13 -5.08
CA ALA B 11 13.37 12.75 -5.17
C ALA B 11 14.52 11.86 -5.61
N LEU B 12 15.35 12.36 -6.52
CA LEU B 12 16.49 11.61 -7.02
C LEU B 12 17.52 11.43 -5.92
N VAL B 13 17.65 12.43 -5.05
CA VAL B 13 18.59 12.36 -3.92
C VAL B 13 18.17 11.21 -3.02
N GLU B 14 16.87 11.10 -2.77
CA GLU B 14 16.34 10.04 -1.92
C GLU B 14 16.52 8.68 -2.58
N ALA B 15 16.30 8.63 -3.89
CA ALA B 15 16.42 7.40 -4.64
C ALA B 15 17.84 6.85 -4.57
N ARG B 16 18.84 7.70 -4.76
CA ARG B 16 20.22 7.26 -4.71
C ARG B 16 20.62 6.82 -3.31
N SER B 17 20.10 7.51 -2.30
CA SER B 17 20.41 7.17 -0.92
C SER B 17 19.79 5.81 -0.58
N ALA B 18 18.57 5.58 -1.05
CA ALA B 18 17.88 4.31 -0.81
C ALA B 18 18.70 3.18 -1.39
N GLY B 19 19.23 3.38 -2.59
CA GLY B 19 20.03 2.35 -3.23
C GLY B 19 21.25 2.01 -2.38
N GLU B 20 21.85 3.03 -1.79
CA GLU B 20 23.03 2.84 -0.95
C GLU B 20 22.70 2.04 0.30
N ARG B 21 21.44 2.10 0.73
CA ARG B 21 20.99 1.38 1.92
C ARG B 21 20.53 -0.03 1.54
N ASP B 22 20.79 -0.43 0.30
CA ASP B 22 20.40 -1.75 -0.19
C ASP B 22 18.89 -1.86 -0.34
N GLU B 23 18.22 -0.72 -0.50
CA GLU B 23 16.77 -0.69 -0.70
C GLU B 23 16.59 -0.50 -2.20
N VAL B 24 15.37 -0.67 -2.70
CA VAL B 24 15.11 -0.45 -4.11
C VAL B 24 15.34 1.05 -4.28
N PRO B 25 16.21 1.45 -5.24
CA PRO B 25 16.54 2.86 -5.51
C PRO B 25 15.41 3.74 -6.03
N ILE B 26 14.42 4.01 -5.19
CA ILE B 26 13.29 4.84 -5.57
C ILE B 26 13.11 5.92 -4.51
N GLY B 27 12.82 7.14 -4.96
CA GLY B 27 12.65 8.24 -4.03
C GLY B 27 11.44 9.08 -4.37
N ALA B 28 10.94 9.82 -3.39
CA ALA B 28 9.76 10.64 -3.62
C ALA B 28 9.71 11.85 -2.70
N VAL B 29 8.90 12.83 -3.08
CA VAL B 29 8.69 14.02 -2.27
C VAL B 29 7.22 14.38 -2.34
N LEU B 30 6.70 14.95 -1.26
CA LEU B 30 5.31 15.35 -1.18
C LEU B 30 5.31 16.86 -1.11
N VAL B 31 4.63 17.50 -2.05
CA VAL B 31 4.58 18.96 -2.13
C VAL B 31 3.19 19.52 -1.85
N LEU B 32 3.14 20.61 -1.11
CA LEU B 32 1.89 21.27 -0.78
C LEU B 32 2.15 22.77 -0.82
N ASP B 33 1.31 23.49 -1.56
CA ASP B 33 1.43 24.94 -1.70
C ASP B 33 2.82 25.33 -2.20
N GLY B 34 3.35 24.55 -3.13
CA GLY B 34 4.65 24.84 -3.69
C GLY B 34 5.86 24.51 -2.83
N ARG B 35 5.64 23.86 -1.70
CA ARG B 35 6.76 23.53 -0.83
C ARG B 35 6.85 22.04 -0.47
N VAL B 36 8.06 21.52 -0.41
CA VAL B 36 8.26 20.13 -0.05
C VAL B 36 7.99 19.98 1.44
N ILE B 37 7.02 19.13 1.82
CA ILE B 37 6.74 18.93 3.23
C ILE B 37 7.13 17.53 3.71
N ALA B 38 7.56 16.69 2.77
CA ALA B 38 8.00 15.33 3.09
C ALA B 38 8.87 14.77 1.98
N ARG B 39 9.88 14.01 2.35
CA ARG B 39 10.79 13.40 1.40
C ARG B 39 11.24 12.04 1.94
N SER B 40 11.39 11.06 1.05
CA SER B 40 11.79 9.73 1.47
C SER B 40 12.07 8.77 0.33
N GLY B 41 12.89 7.77 0.62
CA GLY B 41 13.18 6.73 -0.35
C GLY B 41 12.50 5.49 0.18
N ASN B 42 12.68 4.35 -0.48
CA ASN B 42 12.09 3.10 -0.02
C ASN B 42 12.71 2.73 1.32
N ARG B 43 11.91 2.13 2.20
CA ARG B 43 12.41 1.72 3.51
C ARG B 43 11.83 0.37 3.91
N THR B 44 11.42 -0.43 2.92
CA THR B 44 10.81 -1.73 3.22
C THR B 44 11.71 -2.72 3.94
N ARG B 45 13.00 -2.69 3.66
CA ARG B 45 13.93 -3.61 4.29
C ARG B 45 14.27 -3.16 5.70
N GLU B 46 14.48 -1.86 5.87
CA GLU B 46 14.81 -1.24 7.16
C GLU B 46 13.69 -1.42 8.18
N LEU B 47 12.46 -1.24 7.72
CA LEU B 47 11.30 -1.32 8.60
C LEU B 47 10.55 -2.63 8.62
N ASN B 48 11.01 -3.64 7.89
CA ASN B 48 10.31 -4.92 7.86
C ASN B 48 8.86 -4.59 7.53
N ASP B 49 8.68 -3.77 6.49
CA ASP B 49 7.35 -3.34 6.08
C ASP B 49 7.29 -3.22 4.56
N VAL B 50 6.64 -4.19 3.92
CA VAL B 50 6.52 -4.19 2.47
C VAL B 50 5.73 -2.99 1.93
N THR B 51 5.05 -2.26 2.83
CA THR B 51 4.27 -1.11 2.39
C THR B 51 5.12 0.17 2.45
N ALA B 52 6.34 0.05 2.95
CA ALA B 52 7.22 1.20 3.08
C ALA B 52 7.86 1.71 1.79
N HIS B 53 7.09 1.79 0.72
CA HIS B 53 7.61 2.32 -0.53
C HIS B 53 7.72 3.82 -0.35
N ALA B 54 8.60 4.43 -1.13
CA ALA B 54 8.82 5.87 -1.05
C ALA B 54 7.52 6.66 -1.04
N GLU B 55 6.59 6.32 -1.94
CA GLU B 55 5.31 7.01 -2.05
C GLU B 55 4.50 6.97 -0.77
N ILE B 56 4.35 5.80 -0.18
CA ILE B 56 3.58 5.67 1.04
C ILE B 56 4.32 6.35 2.20
N ALA B 57 5.65 6.26 2.21
CA ALA B 57 6.44 6.88 3.26
C ALA B 57 6.20 8.39 3.33
N VAL B 58 6.20 9.05 2.17
CA VAL B 58 5.98 10.49 2.19
C VAL B 58 4.53 10.84 2.49
N ILE B 59 3.60 9.99 2.10
CA ILE B 59 2.20 10.24 2.41
C ILE B 59 2.04 10.15 3.91
N ARG B 60 2.62 9.11 4.52
CA ARG B 60 2.53 8.95 5.97
C ARG B 60 3.18 10.11 6.70
N MET B 61 4.38 10.51 6.26
CA MET B 61 5.08 11.61 6.91
C MET B 61 4.36 12.94 6.77
N ALA B 62 3.83 13.21 5.58
CA ALA B 62 3.12 14.46 5.34
C ALA B 62 1.84 14.51 6.16
N CYS B 63 1.15 13.38 6.27
CA CYS B 63 -0.08 13.32 7.05
C CYS B 63 0.22 13.53 8.53
N GLU B 64 1.37 13.06 8.99
CA GLU B 64 1.73 13.24 10.39
C GLU B 64 2.06 14.70 10.64
N ALA B 65 2.74 15.32 9.66
CA ALA B 65 3.13 16.72 9.79
C ALA B 65 1.93 17.65 9.74
N LEU B 66 0.89 17.26 9.03
CA LEU B 66 -0.32 18.07 8.91
C LEU B 66 -1.40 17.65 9.90
N GLY B 67 -1.30 16.42 10.40
CA GLY B 67 -2.28 15.93 11.34
C GLY B 67 -3.62 15.67 10.67
N GLN B 68 -3.56 15.22 9.41
CA GLN B 68 -4.78 14.92 8.67
C GLN B 68 -4.68 13.56 8.01
N GLU B 69 -5.83 12.95 7.77
CA GLU B 69 -5.87 11.63 7.16
C GLU B 69 -5.68 11.67 5.65
N ARG B 70 -6.10 12.76 5.02
CA ARG B 70 -5.98 12.91 3.57
C ARG B 70 -5.10 14.12 3.23
N LEU B 71 -4.60 14.14 2.00
CA LEU B 71 -3.75 15.23 1.54
C LEU B 71 -4.30 15.94 0.31
N PRO B 72 -5.55 16.43 0.38
CA PRO B 72 -6.12 17.12 -0.78
C PRO B 72 -5.27 18.32 -1.20
N GLY B 73 -5.10 18.50 -2.51
CA GLY B 73 -4.31 19.60 -3.02
C GLY B 73 -2.82 19.37 -3.10
N ALA B 74 -2.35 18.27 -2.52
CA ALA B 74 -0.92 17.94 -2.52
C ALA B 74 -0.47 17.23 -3.79
N ASP B 75 0.78 17.42 -4.16
CA ASP B 75 1.32 16.76 -5.35
C ASP B 75 2.43 15.82 -4.91
N LEU B 76 2.55 14.68 -5.60
CA LEU B 76 3.57 13.69 -5.25
C LEU B 76 4.48 13.45 -6.44
N TYR B 77 5.79 13.58 -6.19
CA TYR B 77 6.81 13.34 -7.20
C TYR B 77 7.56 12.09 -6.79
N VAL B 78 7.68 11.14 -7.73
CA VAL B 78 8.39 9.90 -7.44
C VAL B 78 9.23 9.55 -8.68
N THR B 79 10.40 8.94 -8.46
CA THR B 79 11.29 8.61 -9.55
C THR B 79 10.84 7.48 -10.48
N LEU B 80 10.02 6.57 -9.97
CA LEU B 80 9.54 5.45 -10.78
C LEU B 80 8.02 5.38 -10.69
N GLU B 81 7.39 4.98 -11.79
CA GLU B 81 5.93 4.85 -11.83
C GLU B 81 5.43 4.07 -10.62
N PRO B 82 4.45 4.61 -9.89
CA PRO B 82 3.92 3.92 -8.72
C PRO B 82 3.37 2.52 -9.04
N CYS B 83 3.51 1.62 -8.08
CA CYS B 83 3.03 0.26 -8.20
C CYS B 83 1.54 0.21 -7.84
N THR B 84 0.95 -0.98 -7.89
CA THR B 84 -0.47 -1.19 -7.59
C THR B 84 -0.87 -0.75 -6.18
N MET B 85 -0.04 -1.09 -5.20
CA MET B 85 -0.30 -0.72 -3.80
C MET B 85 -0.25 0.80 -3.64
N CYS B 86 0.79 1.43 -4.18
CA CYS B 86 0.94 2.88 -4.06
C CYS B 86 -0.09 3.65 -4.87
N ALA B 87 -0.43 3.16 -6.06
CA ALA B 87 -1.42 3.85 -6.87
C ALA B 87 -2.71 3.94 -6.06
N ALA B 88 -3.06 2.85 -5.38
CA ALA B 88 -4.27 2.84 -4.55
C ALA B 88 -4.14 3.81 -3.37
N ALA B 89 -2.99 3.80 -2.70
CA ALA B 89 -2.77 4.68 -1.57
C ALA B 89 -2.86 6.14 -2.01
N ILE B 90 -2.33 6.43 -3.19
CA ILE B 90 -2.34 7.78 -3.75
C ILE B 90 -3.79 8.23 -3.96
N SER B 91 -4.63 7.28 -4.35
CA SER B 91 -6.04 7.56 -4.57
C SER B 91 -6.69 7.88 -3.23
N PHE B 92 -6.48 7.01 -2.25
CA PHE B 92 -7.06 7.20 -0.93
C PHE B 92 -6.62 8.53 -0.29
N ALA B 93 -5.37 8.92 -0.51
CA ALA B 93 -4.87 10.16 0.07
C ALA B 93 -5.37 11.42 -0.62
N ARG B 94 -6.06 11.26 -1.75
CA ARG B 94 -6.61 12.37 -2.51
C ARG B 94 -5.55 13.30 -3.09
N ILE B 95 -4.41 12.73 -3.45
CA ILE B 95 -3.33 13.49 -4.06
C ILE B 95 -3.88 14.18 -5.30
N ARG B 96 -3.53 15.45 -5.47
CA ARG B 96 -4.01 16.24 -6.60
C ARG B 96 -3.32 15.89 -7.91
N ARG B 97 -1.99 15.91 -7.89
CA ARG B 97 -1.20 15.62 -9.08
C ARG B 97 -0.06 14.65 -8.76
N LEU B 98 0.17 13.73 -9.68
CA LEU B 98 1.23 12.74 -9.56
C LEU B 98 2.22 12.94 -10.68
N TYR B 99 3.49 13.16 -10.31
CA TYR B 99 4.55 13.33 -11.28
C TYR B 99 5.52 12.18 -11.07
N TYR B 100 5.94 11.51 -12.14
CA TYR B 100 6.90 10.44 -12.00
C TYR B 100 7.82 10.36 -13.21
N GLY B 101 9.00 9.78 -12.98
CA GLY B 101 9.99 9.67 -14.03
C GLY B 101 9.84 8.52 -15.00
N ALA B 102 10.48 7.40 -14.68
CA ALA B 102 10.45 6.22 -15.54
C ALA B 102 9.19 5.39 -15.40
N GLN B 103 8.83 4.71 -16.48
CA GLN B 103 7.68 3.84 -16.51
C GLN B 103 8.12 2.50 -15.92
N ASP B 104 7.17 1.76 -15.36
CA ASP B 104 7.48 0.45 -14.81
C ASP B 104 6.50 -0.57 -15.38
N PRO B 105 6.76 -1.05 -16.61
CA PRO B 105 5.88 -2.03 -17.24
C PRO B 105 5.77 -3.36 -16.50
N LYS B 106 6.73 -3.64 -15.63
CA LYS B 106 6.72 -4.88 -14.87
C LYS B 106 5.81 -4.88 -13.65
N GLY B 107 5.78 -3.78 -12.91
CA GLY B 107 4.94 -3.72 -11.73
C GLY B 107 4.14 -2.45 -11.54
N GLY B 108 4.19 -1.57 -12.54
CA GLY B 108 3.47 -0.30 -12.47
C GLY B 108 1.96 -0.44 -12.54
N ALA B 109 1.25 0.59 -12.08
CA ALA B 109 -0.21 0.56 -12.09
C ALA B 109 -0.85 1.87 -12.53
N VAL B 110 -0.07 2.77 -13.12
CA VAL B 110 -0.64 4.04 -13.56
C VAL B 110 -0.86 3.97 -15.07
N GLU B 111 0.22 4.02 -15.83
CA GLU B 111 0.11 3.89 -17.28
C GLU B 111 0.24 2.40 -17.59
N SER B 112 0.94 1.69 -16.72
CA SER B 112 1.18 0.26 -16.86
C SER B 112 0.19 -0.57 -16.06
N GLY B 113 0.25 -1.88 -16.27
CA GLY B 113 -0.58 -2.82 -15.54
C GLY B 113 -2.07 -2.59 -15.45
N VAL B 114 -2.58 -2.58 -14.22
CA VAL B 114 -4.00 -2.42 -14.00
C VAL B 114 -4.55 -1.04 -14.32
N ARG B 115 -3.67 -0.07 -14.56
CA ARG B 115 -4.10 1.29 -14.90
C ARG B 115 -5.22 1.69 -13.95
N PHE B 116 -4.91 1.63 -12.66
CA PHE B 116 -5.85 1.90 -11.59
C PHE B 116 -6.74 3.14 -11.67
N PHE B 117 -6.16 4.28 -12.05
CA PHE B 117 -6.95 5.51 -12.10
C PHE B 117 -8.07 5.51 -13.15
N SER B 118 -8.07 4.51 -14.02
CA SER B 118 -9.10 4.38 -15.04
C SER B 118 -10.14 3.33 -14.68
N GLN B 119 -10.01 2.74 -13.49
CA GLN B 119 -10.92 1.68 -13.07
C GLN B 119 -12.07 2.12 -12.18
N PRO B 120 -13.22 1.45 -12.29
CA PRO B 120 -14.41 1.75 -11.50
C PRO B 120 -14.18 1.65 -9.98
N THR B 121 -13.28 0.75 -9.57
CA THR B 121 -13.00 0.59 -8.14
C THR B 121 -12.09 1.68 -7.58
N CYS B 122 -11.60 2.56 -8.44
CA CYS B 122 -10.78 3.69 -8.00
C CYS B 122 -11.81 4.81 -7.87
N HIS B 123 -11.85 5.47 -6.72
CA HIS B 123 -12.82 6.53 -6.53
C HIS B 123 -12.23 7.94 -6.51
N HIS B 124 -10.95 8.06 -6.84
CA HIS B 124 -10.30 9.38 -6.90
C HIS B 124 -8.98 9.25 -7.64
N ALA B 125 -8.84 10.02 -8.71
CA ALA B 125 -7.63 9.98 -9.51
C ALA B 125 -6.93 11.32 -9.58
N PRO B 126 -5.60 11.30 -9.49
CA PRO B 126 -4.83 12.54 -9.57
C PRO B 126 -4.54 12.81 -11.05
N ASP B 127 -4.16 14.03 -11.39
CA ASP B 127 -3.78 14.30 -12.77
C ASP B 127 -2.38 13.74 -12.84
N VAL B 128 -2.08 12.99 -13.91
CA VAL B 128 -0.79 12.35 -14.05
C VAL B 128 0.14 12.93 -15.10
N TYR B 129 1.41 13.11 -14.71
CA TYR B 129 2.45 13.61 -15.60
C TYR B 129 3.66 12.68 -15.49
N SER B 130 4.06 12.09 -16.61
CA SER B 130 5.21 11.17 -16.59
C SER B 130 6.37 11.65 -17.45
N GLY B 131 7.54 11.06 -17.21
CA GLY B 131 8.72 11.43 -17.98
C GLY B 131 9.67 12.45 -17.37
N LEU B 132 9.37 12.92 -16.16
CA LEU B 132 10.23 13.90 -15.50
C LEU B 132 11.55 13.26 -15.06
N ALA B 133 12.66 13.77 -15.61
CA ALA B 133 13.99 13.25 -15.28
C ALA B 133 14.03 11.73 -15.46
N GLU B 134 13.38 11.26 -16.52
CA GLU B 134 13.32 9.84 -16.83
C GLU B 134 14.68 9.16 -16.91
N SER B 135 15.61 9.76 -17.63
CA SER B 135 16.95 9.18 -17.79
C SER B 135 17.64 8.92 -16.45
N GLU B 136 17.69 9.93 -15.59
CA GLU B 136 18.35 9.76 -14.29
C GLU B 136 17.62 8.74 -13.42
N SER B 137 16.29 8.81 -13.41
CA SER B 137 15.48 7.89 -12.62
C SER B 137 15.71 6.46 -13.08
N ALA B 138 15.73 6.25 -14.39
CA ALA B 138 15.93 4.93 -14.97
C ALA B 138 17.38 4.48 -14.84
N GLU B 139 18.30 5.46 -14.86
CA GLU B 139 19.73 5.17 -14.77
C GLU B 139 20.08 4.57 -13.41
N ILE B 140 19.36 4.98 -12.38
CA ILE B 140 19.60 4.48 -11.03
C ILE B 140 18.60 3.39 -10.68
N LEU B 141 18.10 2.69 -11.70
CA LEU B 141 17.14 1.61 -11.51
C LEU B 141 15.82 2.12 -10.96
#